data_6WX4
#
_entry.id   6WX4
#
_cell.length_a   44.869
_cell.length_b   113.482
_cell.length_c   151.048
_cell.angle_alpha   90.000
_cell.angle_beta   90.000
_cell.angle_gamma   90.000
#
_symmetry.space_group_name_H-M   'I 2 2 2'
#
loop_
_entity.id
_entity.type
_entity.pdbx_description
1 polymer 'Non-structural protein 3'
2 polymer VIR251
3 non-polymer 'ZINC ION'
4 water water
#
loop_
_entity_poly.entity_id
_entity_poly.type
_entity_poly.pdbx_seq_one_letter_code
_entity_poly.pdbx_strand_id
1 'polypeptide(L)'
;MREVRTIKVFTTVDNINLHTQVVDMSMTYGQQFGPTYLDGADVTKIKPHNSHEGKTFYVLPNDDTLRVEAFEYYHTTDPS
FLGRYMSALNHTKKWKYPQVNGLTSIKWADNNCYLATALLTLQQIELKFNPPALQDAYYRARAGEAANFCALILAYCNKT
VGELGDVRETMSYLFQHANLDSCKRVLNVVCKTCGQQQTTLKGVEAVMYMGTLSYEQFKKGVQIPCTCGKQATKYLVQQE
SPFVMMSAPPAQYELKHGTFTCASEYTGNYQCGHYKHITSKETLYCIDGALLTKSSEYKGPITDVFYKENSYTTTIKPLE
HHHHHH
;
D
2 'polypeptide(L)' (ACY)(73O)(DPP)G(GVE) I
#
# COMPACT_ATOMS: atom_id res chain seq x y z
N GLU A 3 29.44 37.26 -18.35
CA GLU A 3 28.69 38.01 -17.36
C GLU A 3 27.47 37.21 -16.89
N VAL A 4 26.85 36.48 -17.82
CA VAL A 4 25.78 35.56 -17.49
C VAL A 4 26.39 34.18 -17.29
N ARG A 5 26.39 33.70 -16.05
CA ARG A 5 26.95 32.41 -15.70
C ARG A 5 25.85 31.35 -15.73
N THR A 6 26.17 30.19 -16.31
CA THR A 6 25.20 29.10 -16.44
C THR A 6 25.85 27.78 -16.11
N ILE A 7 25.00 26.80 -15.77
CA ILE A 7 25.40 25.40 -15.70
C ILE A 7 24.33 24.58 -16.39
N LYS A 8 24.70 23.35 -16.76
CA LYS A 8 23.76 22.40 -17.36
C LYS A 8 23.29 21.41 -16.32
N VAL A 9 21.97 21.21 -16.25
CA VAL A 9 21.36 20.22 -15.39
C VAL A 9 20.37 19.42 -16.23
N PHE A 10 19.86 18.33 -15.66
CA PHE A 10 18.74 17.61 -16.24
C PHE A 10 17.50 17.85 -15.40
N THR A 11 16.36 18.01 -16.06
CA THR A 11 15.08 17.98 -15.35
C THR A 11 14.31 16.73 -15.74
N THR A 12 13.43 16.30 -14.85
CA THR A 12 12.70 15.06 -15.07
C THR A 12 11.44 15.08 -14.24
N VAL A 13 10.48 14.25 -14.63
CA VAL A 13 9.39 13.87 -13.73
C VAL A 13 9.40 12.39 -13.39
N ASP A 14 10.26 11.58 -14.03
CA ASP A 14 10.24 10.13 -13.80
C ASP A 14 11.62 9.53 -13.55
N ASN A 15 12.69 10.32 -13.62
CA ASN A 15 14.07 9.89 -13.43
C ASN A 15 14.53 8.91 -14.50
N ILE A 16 13.76 8.77 -15.56
CA ILE A 16 14.11 7.95 -16.71
C ILE A 16 14.31 8.82 -17.94
N ASN A 17 13.34 9.67 -18.24
CA ASN A 17 13.44 10.64 -19.32
C ASN A 17 14.04 11.92 -18.75
N LEU A 18 15.29 12.19 -19.13
CA LEU A 18 16.02 13.35 -18.63
C LEU A 18 16.09 14.40 -19.72
N HIS A 19 15.79 15.65 -19.35
CA HIS A 19 15.73 16.76 -20.28
C HIS A 19 16.83 17.75 -19.93
N THR A 20 17.76 17.96 -20.85
CA THR A 20 18.85 18.89 -20.61
C THR A 20 18.31 20.31 -20.47
N GLN A 21 18.82 21.04 -19.49
CA GLN A 21 18.44 22.42 -19.25
C GLN A 21 19.69 23.24 -18.96
N VAL A 22 19.65 24.50 -19.40
CA VAL A 22 20.69 25.48 -19.08
C VAL A 22 20.08 26.44 -18.07
N VAL A 23 20.66 26.52 -16.87
CA VAL A 23 20.12 27.36 -15.81
C VAL A 23 21.07 28.52 -15.55
N ASP A 24 20.49 29.68 -15.28
CA ASP A 24 21.22 30.90 -14.95
C ASP A 24 21.56 30.88 -13.48
N MET A 25 22.85 31.07 -13.16
CA MET A 25 23.29 30.92 -11.78
C MET A 25 22.89 32.09 -10.89
N SER A 26 22.46 33.21 -11.46
CA SER A 26 22.02 34.35 -10.66
C SER A 26 20.57 34.25 -10.20
N MET A 27 19.79 33.30 -10.71
CA MET A 27 18.40 33.13 -10.34
C MET A 27 18.21 31.80 -9.61
N THR A 28 17.23 31.75 -8.70
CA THR A 28 16.92 30.49 -8.04
C THR A 28 16.32 29.50 -9.03
N TYR A 29 16.32 28.21 -8.65
CA TYR A 29 15.64 27.22 -9.46
C TYR A 29 14.16 27.56 -9.59
N GLY A 30 13.55 28.04 -8.51
CA GLY A 30 12.14 28.40 -8.56
C GLY A 30 11.86 29.49 -9.57
N GLN A 31 12.72 30.51 -9.63
CA GLN A 31 12.52 31.59 -10.58
C GLN A 31 12.58 31.12 -12.02
N GLN A 32 13.18 29.95 -12.28
CA GLN A 32 13.38 29.44 -13.63
C GLN A 32 12.49 28.25 -13.97
N PHE A 33 12.29 27.33 -13.03
CA PHE A 33 11.55 26.08 -13.26
C PHE A 33 10.21 26.01 -12.57
N GLY A 34 9.96 26.86 -11.58
CA GLY A 34 8.92 26.59 -10.61
C GLY A 34 9.46 25.65 -9.55
N PRO A 35 8.57 25.00 -8.80
CA PRO A 35 9.03 24.09 -7.75
C PRO A 35 9.97 23.02 -8.28
N THR A 36 11.13 22.90 -7.64
CA THR A 36 12.24 22.07 -8.10
C THR A 36 12.79 21.28 -6.92
N TYR A 37 13.10 20.02 -7.16
CA TYR A 37 13.55 19.14 -6.09
C TYR A 37 14.82 18.43 -6.53
N LEU A 38 15.73 18.25 -5.57
CA LEU A 38 16.96 17.50 -5.78
C LEU A 38 16.93 16.39 -4.73
N ASP A 39 16.63 15.16 -5.17
CA ASP A 39 16.54 14.00 -4.28
C ASP A 39 15.52 14.24 -3.15
N GLY A 40 14.36 14.81 -3.49
CA GLY A 40 13.34 15.09 -2.53
C GLY A 40 13.45 16.44 -1.84
N ALA A 41 14.67 16.99 -1.76
CA ALA A 41 14.88 18.27 -1.09
C ALA A 41 14.37 19.42 -1.97
N ASP A 42 13.62 20.32 -1.36
CA ASP A 42 13.03 21.45 -2.08
C ASP A 42 14.12 22.49 -2.32
N VAL A 43 14.56 22.63 -3.58
CA VAL A 43 15.59 23.62 -3.92
C VAL A 43 15.00 24.82 -4.63
N THR A 44 13.68 25.03 -4.52
CA THR A 44 13.01 26.10 -5.24
C THR A 44 13.64 27.46 -4.94
N LYS A 45 14.11 27.65 -3.70
CA LYS A 45 14.56 28.96 -3.25
C LYS A 45 16.08 29.08 -3.17
N ILE A 46 16.82 28.15 -3.77
CA ILE A 46 18.27 28.24 -3.79
C ILE A 46 18.75 28.45 -5.22
N LYS A 47 19.93 29.06 -5.35
CA LYS A 47 20.53 29.33 -6.65
C LYS A 47 21.40 28.15 -7.07
N PRO A 48 21.57 27.94 -8.38
CA PRO A 48 22.42 26.84 -8.85
C PRO A 48 23.85 27.00 -8.35
N HIS A 49 24.42 25.90 -7.90
CA HIS A 49 25.81 25.84 -7.50
C HIS A 49 26.60 25.02 -8.51
N ASN A 50 27.91 25.29 -8.58
CA ASN A 50 28.75 24.61 -9.56
C ASN A 50 28.73 23.10 -9.38
N SER A 51 28.50 22.62 -8.16
CA SER A 51 28.43 21.19 -7.91
C SER A 51 27.17 20.57 -8.51
N HIS A 52 26.14 21.38 -8.79
CA HIS A 52 24.89 20.88 -9.35
C HIS A 52 25.01 20.48 -10.82
N GLU A 53 26.10 20.86 -11.49
CA GLU A 53 26.21 20.57 -12.91
C GLU A 53 26.05 19.07 -13.16
N GLY A 54 25.27 18.73 -14.19
CA GLY A 54 25.03 17.36 -14.54
C GLY A 54 24.05 16.60 -13.65
N LYS A 55 23.57 17.21 -12.57
CA LYS A 55 22.64 16.50 -11.69
C LYS A 55 21.23 16.53 -12.27
N THR A 56 20.39 15.64 -11.75
CA THR A 56 19.00 15.51 -12.17
C THR A 56 18.09 16.13 -11.13
N PHE A 57 17.20 17.01 -11.57
CA PHE A 57 16.25 17.70 -10.71
C PHE A 57 14.84 17.30 -11.12
N TYR A 58 13.99 17.03 -10.13
CA TYR A 58 12.59 16.84 -10.42
C TYR A 58 11.91 18.20 -10.51
N VAL A 59 10.97 18.33 -11.45
CA VAL A 59 10.17 19.53 -11.61
C VAL A 59 8.72 19.09 -11.72
N LEU A 60 7.82 20.05 -11.67
CA LEU A 60 6.42 19.66 -11.80
C LEU A 60 6.06 19.53 -13.28
N PRO A 61 5.12 18.63 -13.60
CA PRO A 61 4.78 18.44 -15.02
C PRO A 61 3.98 19.62 -15.55
N ASN A 62 4.68 20.67 -15.98
CA ASN A 62 4.04 21.92 -16.38
C ASN A 62 4.19 22.21 -17.88
N ASP A 63 4.50 21.19 -18.68
CA ASP A 63 4.39 21.29 -20.13
C ASP A 63 3.86 19.96 -20.66
N ASP A 64 3.48 19.96 -21.93
CA ASP A 64 2.78 18.80 -22.49
C ASP A 64 3.66 17.55 -22.46
N THR A 65 4.95 17.70 -22.70
CA THR A 65 5.83 16.52 -22.69
C THR A 65 5.91 15.92 -21.29
N LEU A 66 6.09 16.77 -20.28
CA LEU A 66 6.19 16.27 -18.91
C LEU A 66 4.87 15.71 -18.43
N ARG A 67 3.76 16.29 -18.85
CA ARG A 67 2.46 15.75 -18.43
C ARG A 67 2.27 14.34 -18.95
N VAL A 68 2.68 14.07 -20.19
CA VAL A 68 2.56 12.72 -20.72
C VAL A 68 3.50 11.78 -19.99
N GLU A 69 4.73 12.21 -19.76
CA GLU A 69 5.69 11.35 -19.09
C GLU A 69 5.26 11.03 -17.67
N ALA A 70 4.70 12.02 -16.96
CA ALA A 70 4.23 11.77 -15.61
C ALA A 70 3.03 10.81 -15.60
N PHE A 71 2.09 10.98 -16.53
CA PHE A 71 0.97 10.05 -16.56
C PHE A 71 1.44 8.63 -16.88
N GLU A 72 2.34 8.48 -17.85
CA GLU A 72 2.79 7.15 -18.21
C GLU A 72 3.55 6.48 -17.07
N TYR A 73 4.21 7.25 -16.22
CA TYR A 73 4.97 6.64 -15.14
C TYR A 73 4.12 6.43 -13.89
N TYR A 74 3.30 7.43 -13.51
CA TYR A 74 2.56 7.35 -12.25
C TYR A 74 1.09 6.98 -12.40
N HIS A 75 0.51 7.09 -13.61
CA HIS A 75 -0.88 6.73 -13.87
C HIS A 75 -1.87 7.66 -13.16
N THR A 76 -1.44 8.88 -12.87
CA THR A 76 -2.37 9.88 -12.35
C THR A 76 -2.03 11.21 -13.00
N THR A 77 -3.05 12.02 -13.26
CA THR A 77 -2.87 13.36 -13.81
C THR A 77 -2.99 14.43 -12.73
N ASP A 78 -3.15 14.03 -11.48
CA ASP A 78 -3.25 14.92 -10.33
C ASP A 78 -2.04 15.86 -10.32
N PRO A 79 -2.26 17.16 -10.50
CA PRO A 79 -1.12 18.09 -10.54
C PRO A 79 -0.37 18.15 -9.22
N SER A 80 -0.99 17.73 -8.12
CA SER A 80 -0.31 17.77 -6.84
C SER A 80 0.56 16.55 -6.59
N PHE A 81 0.47 15.52 -7.43
CA PHE A 81 1.06 14.23 -7.05
C PHE A 81 2.57 14.33 -6.90
N LEU A 82 3.26 14.90 -7.91
CA LEU A 82 4.71 14.89 -7.86
C LEU A 82 5.24 15.66 -6.66
N GLY A 83 4.63 16.80 -6.33
CA GLY A 83 5.07 17.55 -5.16
C GLY A 83 4.86 16.77 -3.87
N ARG A 84 3.75 16.02 -3.78
CA ARG A 84 3.52 15.25 -2.57
C ARG A 84 4.49 14.07 -2.48
N TYR A 85 4.80 13.45 -3.62
CA TYR A 85 5.80 12.38 -3.64
C TYR A 85 7.15 12.92 -3.18
N MET A 86 7.57 14.06 -3.73
CA MET A 86 8.87 14.62 -3.36
C MET A 86 8.89 15.03 -1.90
N SER A 87 7.80 15.64 -1.42
CA SER A 87 7.74 16.01 -0.01
C SER A 87 7.92 14.82 0.91
N ALA A 88 7.29 13.69 0.56
CA ALA A 88 7.44 12.50 1.39
C ALA A 88 8.85 11.92 1.27
N LEU A 89 9.39 11.94 0.05
CA LEU A 89 10.70 11.33 -0.18
C LEU A 89 11.81 12.02 0.59
N ASN A 90 11.71 13.34 0.77
CA ASN A 90 12.69 14.06 1.56
C ASN A 90 12.83 13.47 2.96
N HIS A 91 11.73 12.91 3.49
CA HIS A 91 11.76 12.22 4.78
C HIS A 91 12.10 10.75 4.67
N THR A 92 11.45 10.03 3.74
CA THR A 92 11.66 8.58 3.70
C THR A 92 13.07 8.21 3.29
N LYS A 93 13.78 9.12 2.61
CA LYS A 93 15.16 8.81 2.25
C LYS A 93 16.08 8.77 3.48
N LYS A 94 15.61 9.29 4.60
CA LYS A 94 16.34 9.26 5.86
C LYS A 94 15.94 8.10 6.77
N TRP A 95 14.89 7.37 6.43
CA TRP A 95 14.52 6.18 7.18
C TRP A 95 15.52 5.06 6.89
N LYS A 96 15.54 4.08 7.79
CA LYS A 96 16.38 2.90 7.62
C LYS A 96 15.51 1.70 7.30
N TYR A 97 16.00 0.82 6.41
CA TYR A 97 15.21 -0.28 5.87
C TYR A 97 15.94 -1.59 6.12
N PRO A 98 15.90 -2.10 7.35
CA PRO A 98 16.62 -3.33 7.64
C PRO A 98 15.94 -4.54 7.03
N GLN A 99 16.75 -5.53 6.67
CA GLN A 99 16.22 -6.83 6.29
C GLN A 99 15.94 -7.63 7.54
N VAL A 100 14.69 -8.04 7.73
CA VAL A 100 14.27 -8.75 8.92
C VAL A 100 13.58 -10.03 8.48
N ASN A 101 14.20 -11.17 8.78
CA ASN A 101 13.66 -12.48 8.39
C ASN A 101 13.35 -12.53 6.91
N GLY A 102 14.28 -12.04 6.09
CA GLY A 102 14.17 -12.11 4.65
C GLY A 102 13.27 -11.08 4.01
N LEU A 103 12.78 -10.11 4.77
CA LEU A 103 11.84 -9.14 4.27
C LEU A 103 12.37 -7.74 4.57
N THR A 104 12.06 -6.78 3.70
CA THR A 104 12.46 -5.41 3.98
C THR A 104 11.46 -4.78 4.93
N SER A 105 11.95 -4.30 6.06
CA SER A 105 11.11 -3.61 7.02
C SER A 105 11.50 -2.13 7.06
N ILE A 106 11.01 -1.39 8.07
CA ILE A 106 11.40 0.01 8.28
C ILE A 106 11.66 0.20 9.77
N LYS A 107 12.77 0.83 10.11
CA LYS A 107 12.99 1.20 11.51
C LYS A 107 11.98 2.26 11.92
N TRP A 108 11.53 2.16 13.17
CA TRP A 108 10.54 3.07 13.74
C TRP A 108 10.91 4.54 13.55
N ALA A 109 10.02 5.31 12.92
CA ALA A 109 10.19 6.75 12.78
C ALA A 109 8.89 7.35 12.27
N ASP A 110 8.55 8.57 12.72
CA ASP A 110 7.53 9.37 12.06
C ASP A 110 6.19 8.62 11.93
N ASN A 111 5.85 7.83 12.95
CA ASN A 111 4.60 7.06 12.96
C ASN A 111 4.49 6.10 11.79
N ASN A 112 5.62 5.57 11.31
CA ASN A 112 5.58 4.76 10.09
C ASN A 112 5.25 3.29 10.34
N CYS A 113 4.85 2.90 11.57
CA CYS A 113 4.63 1.48 11.83
C CYS A 113 3.59 0.89 10.87
N TYR A 114 2.55 1.66 10.51
CA TYR A 114 1.53 1.09 9.62
C TYR A 114 2.10 0.88 8.22
N LEU A 115 3.01 1.76 7.80
CA LEU A 115 3.65 1.61 6.51
C LEU A 115 4.58 0.42 6.50
N ALA A 116 5.31 0.21 7.59
CA ALA A 116 6.18 -0.95 7.67
C ALA A 116 5.35 -2.23 7.60
N THR A 117 4.22 -2.25 8.30
CA THR A 117 3.37 -3.44 8.27
C THR A 117 2.82 -3.68 6.86
N ALA A 118 2.41 -2.61 6.16
CA ALA A 118 1.93 -2.78 4.79
C ALA A 118 3.05 -3.24 3.86
N LEU A 119 4.23 -2.63 3.99
CA LEU A 119 5.38 -3.02 3.18
C LEU A 119 5.72 -4.50 3.35
N LEU A 120 5.71 -4.98 4.60
CA LEU A 120 6.01 -6.40 4.85
C LEU A 120 4.97 -7.30 4.22
N THR A 121 3.69 -6.90 4.32
CA THR A 121 2.61 -7.68 3.73
C THR A 121 2.74 -7.76 2.21
N LEU A 122 3.06 -6.62 1.57
CA LEU A 122 3.13 -6.61 0.10
C LEU A 122 4.19 -7.56 -0.42
N GLN A 123 5.25 -7.80 0.34
CA GLN A 123 6.28 -8.71 -0.10
C GLN A 123 5.88 -10.17 0.02
N GLN A 124 4.71 -10.46 0.60
CA GLN A 124 4.27 -11.81 0.85
C GLN A 124 2.98 -12.19 0.13
N ILE A 125 2.33 -11.26 -0.55
CA ILE A 125 1.17 -11.60 -1.36
C ILE A 125 1.49 -11.37 -2.82
N GLU A 126 0.81 -12.13 -3.68
CA GLU A 126 1.01 -12.01 -5.12
C GLU A 126 0.23 -10.81 -5.64
N LEU A 127 0.95 -9.76 -6.03
CA LEU A 127 0.32 -8.51 -6.44
C LEU A 127 1.20 -7.87 -7.49
N LYS A 128 0.63 -7.54 -8.64
CA LYS A 128 1.33 -6.82 -9.68
C LYS A 128 0.80 -5.41 -9.77
N PHE A 129 1.68 -4.42 -9.66
CA PHE A 129 1.27 -3.02 -9.75
C PHE A 129 1.22 -2.56 -11.19
N ASN A 130 0.24 -1.73 -11.50
CA ASN A 130 0.13 -1.23 -12.87
C ASN A 130 1.05 -0.05 -13.16
N PRO A 131 1.12 0.99 -12.32
CA PRO A 131 2.02 2.12 -12.63
C PRO A 131 3.46 1.69 -12.62
N PRO A 132 4.22 1.97 -13.68
CA PRO A 132 5.67 1.65 -13.65
C PRO A 132 6.36 2.21 -12.41
N ALA A 133 5.97 3.40 -11.95
CA ALA A 133 6.57 3.96 -10.74
C ALA A 133 6.48 3.00 -9.56
N LEU A 134 5.32 2.35 -9.37
CA LEU A 134 5.15 1.43 -8.25
C LEU A 134 5.87 0.10 -8.48
N GLN A 135 5.82 -0.42 -9.72
CA GLN A 135 6.56 -1.64 -10.04
C GLN A 135 8.03 -1.44 -9.74
N ASP A 136 8.62 -0.38 -10.27
CA ASP A 136 10.06 -0.18 -10.13
C ASP A 136 10.42 0.01 -8.67
N ALA A 137 9.63 0.79 -7.94
CA ALA A 137 9.99 1.10 -6.57
C ALA A 137 9.78 -0.10 -5.67
N TYR A 138 8.79 -0.95 -5.97
CA TYR A 138 8.61 -2.18 -5.21
C TYR A 138 9.83 -3.06 -5.33
N TYR A 139 10.37 -3.19 -6.53
CA TYR A 139 11.53 -4.06 -6.70
C TYR A 139 12.74 -3.48 -5.97
N ARG A 140 12.93 -2.16 -6.06
CA ARG A 140 14.02 -1.55 -5.30
C ARG A 140 13.82 -1.76 -3.82
N ALA A 141 12.56 -1.71 -3.35
CA ALA A 141 12.31 -1.95 -1.93
C ALA A 141 12.68 -3.37 -1.53
N ARG A 142 12.40 -4.34 -2.40
CA ARG A 142 12.79 -5.71 -2.12
C ARG A 142 14.29 -5.86 -2.03
N ALA A 143 15.03 -5.02 -2.76
CA ALA A 143 16.49 -5.04 -2.65
C ALA A 143 17.00 -4.25 -1.45
N GLY A 144 16.11 -3.71 -0.62
CA GLY A 144 16.48 -2.94 0.55
C GLY A 144 16.46 -1.44 0.40
N GLU A 145 16.18 -0.91 -0.79
CA GLU A 145 16.17 0.52 -1.05
C GLU A 145 14.71 0.96 -1.19
N ALA A 146 14.02 1.08 -0.05
CA ALA A 146 12.56 1.23 -0.05
C ALA A 146 12.09 2.68 0.08
N ALA A 147 12.99 3.66 0.08
CA ALA A 147 12.55 5.04 0.30
C ALA A 147 11.57 5.51 -0.78
N ASN A 148 11.85 5.21 -2.05
CA ASN A 148 10.92 5.65 -3.08
C ASN A 148 9.57 4.96 -2.97
N PHE A 149 9.57 3.66 -2.66
CA PHE A 149 8.30 2.94 -2.52
C PHE A 149 7.47 3.53 -1.39
N CYS A 150 8.08 3.81 -0.25
CA CYS A 150 7.34 4.36 0.87
C CYS A 150 6.78 5.75 0.55
N ALA A 151 7.58 6.58 -0.12
CA ALA A 151 7.11 7.90 -0.51
C ALA A 151 5.96 7.81 -1.52
N LEU A 152 6.04 6.86 -2.47
CA LEU A 152 4.94 6.67 -3.40
C LEU A 152 3.68 6.19 -2.70
N ILE A 153 3.80 5.25 -1.75
CA ILE A 153 2.61 4.80 -1.02
C ILE A 153 1.93 6.00 -0.36
N LEU A 154 2.71 6.84 0.33
CA LEU A 154 2.13 8.02 0.95
C LEU A 154 1.44 8.91 -0.08
N ALA A 155 2.11 9.13 -1.22
CA ALA A 155 1.51 10.02 -2.22
C ALA A 155 0.24 9.42 -2.84
N TYR A 156 0.25 8.13 -3.18
CA TYR A 156 -0.95 7.50 -3.71
C TYR A 156 -2.09 7.44 -2.70
N CYS A 157 -1.76 7.41 -1.40
CA CYS A 157 -2.78 7.36 -0.35
C CYS A 157 -3.24 8.74 0.11
N ASN A 158 -2.66 9.81 -0.43
CA ASN A 158 -2.93 11.18 0.01
C ASN A 158 -2.65 11.33 1.51
N LYS A 159 -1.56 10.72 1.97
CA LYS A 159 -1.13 10.81 3.35
C LYS A 159 0.27 11.43 3.40
N THR A 160 0.56 12.12 4.50
CA THR A 160 1.88 12.75 4.65
C THR A 160 2.68 12.05 5.74
N VAL A 161 4.01 12.22 5.65
CA VAL A 161 4.91 11.69 6.66
C VAL A 161 4.50 12.22 8.03
N GLY A 162 4.50 11.33 9.02
CA GLY A 162 4.19 11.71 10.38
C GLY A 162 2.76 11.44 10.78
N GLU A 163 1.84 11.28 9.83
CA GLU A 163 0.46 10.99 10.14
C GLU A 163 0.30 9.54 10.57
N LEU A 164 -0.55 9.31 11.56
CA LEU A 164 -0.96 7.96 11.89
C LEU A 164 -1.77 7.37 10.75
N GLY A 165 -1.80 6.04 10.68
CA GLY A 165 -2.42 5.40 9.53
C GLY A 165 -3.10 4.09 9.85
N ASP A 166 -3.72 3.52 8.83
CA ASP A 166 -4.51 2.30 8.95
C ASP A 166 -4.03 1.37 7.85
N VAL A 167 -3.63 0.16 8.22
CA VAL A 167 -3.04 -0.77 7.24
C VAL A 167 -4.08 -1.19 6.21
N ARG A 168 -5.31 -1.52 6.67
CA ARG A 168 -6.36 -1.93 5.74
C ARG A 168 -6.64 -0.83 4.73
N GLU A 169 -6.75 0.41 5.20
CA GLU A 169 -7.01 1.52 4.29
C GLU A 169 -5.88 1.68 3.29
N THR A 170 -4.64 1.57 3.78
CA THR A 170 -3.47 1.71 2.91
C THR A 170 -3.45 0.62 1.84
N MET A 171 -3.70 -0.63 2.25
CA MET A 171 -3.76 -1.73 1.28
C MET A 171 -4.87 -1.48 0.26
N SER A 172 -6.02 -0.99 0.71
CA SER A 172 -7.12 -0.78 -0.24
C SER A 172 -6.75 0.23 -1.30
N TYR A 173 -6.06 1.32 -0.93
CA TYR A 173 -5.64 2.30 -1.92
C TYR A 173 -4.59 1.73 -2.87
N LEU A 174 -3.63 0.97 -2.33
CA LEU A 174 -2.62 0.35 -3.20
C LEU A 174 -3.25 -0.66 -4.15
N PHE A 175 -4.25 -1.41 -3.68
CA PHE A 175 -4.92 -2.38 -4.54
C PHE A 175 -5.61 -1.70 -5.73
N GLN A 176 -6.02 -0.42 -5.58
CA GLN A 176 -6.55 0.33 -6.72
C GLN A 176 -5.57 0.39 -7.88
N HIS A 177 -4.28 0.31 -7.57
CA HIS A 177 -3.24 0.46 -8.55
C HIS A 177 -2.62 -0.87 -8.93
N ALA A 178 -3.26 -1.97 -8.56
CA ALA A 178 -2.79 -3.30 -8.90
C ALA A 178 -3.70 -3.93 -9.95
N ASN A 179 -3.14 -4.88 -10.70
CA ASN A 179 -3.93 -5.59 -11.69
C ASN A 179 -4.69 -6.71 -10.98
N LEU A 180 -5.95 -6.44 -10.65
CA LEU A 180 -6.81 -7.43 -10.01
C LEU A 180 -8.02 -7.78 -10.86
N ASP A 181 -8.00 -7.50 -12.16
CA ASP A 181 -9.24 -7.68 -12.89
C ASP A 181 -9.53 -9.15 -13.22
N SER A 182 -8.62 -10.06 -12.93
CA SER A 182 -8.93 -11.48 -12.96
C SER A 182 -9.45 -12.00 -11.62
N CYS A 183 -9.48 -11.16 -10.59
CA CYS A 183 -10.01 -11.57 -9.29
C CYS A 183 -11.54 -11.49 -9.29
N LYS A 184 -12.16 -12.51 -8.72
CA LYS A 184 -13.61 -12.59 -8.71
C LYS A 184 -14.09 -13.19 -7.40
N ARG A 185 -15.18 -12.63 -6.88
CA ARG A 185 -15.80 -13.12 -5.66
C ARG A 185 -17.30 -13.19 -5.88
N VAL A 186 -17.89 -14.34 -5.53
CA VAL A 186 -19.33 -14.54 -5.60
C VAL A 186 -19.82 -14.75 -4.17
N LEU A 187 -20.77 -13.93 -3.76
CA LEU A 187 -21.37 -14.00 -2.43
C LEU A 187 -22.85 -14.32 -2.56
N ASN A 188 -23.40 -14.87 -1.49
CA ASN A 188 -24.82 -15.14 -1.40
C ASN A 188 -25.30 -14.60 -0.06
N VAL A 189 -26.37 -13.82 -0.06
CA VAL A 189 -27.01 -13.34 1.16
C VAL A 189 -28.37 -14.01 1.21
N VAL A 190 -28.60 -14.78 2.26
CA VAL A 190 -29.81 -15.59 2.38
C VAL A 190 -30.66 -15.03 3.50
N CYS A 191 -31.81 -14.49 3.12
CA CYS A 191 -32.82 -14.01 4.05
C CYS A 191 -33.92 -15.06 4.15
N LYS A 192 -34.31 -15.41 5.37
CA LYS A 192 -35.33 -16.44 5.55
C LYS A 192 -36.64 -16.05 4.88
N THR A 193 -36.90 -14.76 4.66
CA THR A 193 -38.10 -14.31 3.98
C THR A 193 -37.86 -14.00 2.51
N CYS A 194 -36.84 -13.18 2.21
CA CYS A 194 -36.63 -12.74 0.84
C CYS A 194 -36.03 -13.83 -0.03
N GLY A 195 -35.33 -14.77 0.56
CA GLY A 195 -34.63 -15.80 -0.20
C GLY A 195 -33.19 -15.44 -0.47
N GLN A 196 -32.64 -16.07 -1.51
CA GLN A 196 -31.23 -15.93 -1.83
C GLN A 196 -30.99 -14.74 -2.77
N GLN A 197 -29.91 -14.03 -2.50
CA GLN A 197 -29.51 -12.86 -3.29
C GLN A 197 -28.01 -12.97 -3.54
N GLN A 198 -27.63 -13.26 -4.78
CA GLN A 198 -26.24 -13.48 -5.13
C GLN A 198 -25.64 -12.20 -5.71
N THR A 199 -24.39 -11.93 -5.36
CA THR A 199 -23.64 -10.76 -5.83
C THR A 199 -22.28 -11.22 -6.32
N THR A 200 -21.84 -10.67 -7.44
CA THR A 200 -20.50 -10.89 -7.97
C THR A 200 -19.69 -9.62 -7.85
N LEU A 201 -18.51 -9.73 -7.24
CA LEU A 201 -17.61 -8.61 -7.03
C LEU A 201 -16.32 -8.86 -7.81
N LYS A 202 -15.72 -7.78 -8.29
CA LYS A 202 -14.48 -7.84 -9.04
C LYS A 202 -13.52 -6.79 -8.51
N GLY A 203 -12.24 -6.98 -8.83
CA GLY A 203 -11.25 -6.00 -8.43
C GLY A 203 -10.99 -5.99 -6.94
N VAL A 204 -10.77 -4.79 -6.40
CA VAL A 204 -10.41 -4.65 -4.99
C VAL A 204 -11.47 -5.27 -4.10
N GLU A 205 -12.75 -5.11 -4.47
CA GLU A 205 -13.84 -5.66 -3.66
C GLU A 205 -13.83 -7.18 -3.64
N ALA A 206 -13.17 -7.82 -4.61
CA ALA A 206 -13.14 -9.27 -4.62
C ALA A 206 -12.12 -9.84 -3.65
N VAL A 207 -11.19 -9.04 -3.13
CA VAL A 207 -10.14 -9.58 -2.29
C VAL A 207 -10.17 -9.06 -0.86
N MET A 208 -11.05 -8.11 -0.53
CA MET A 208 -11.09 -7.53 0.80
C MET A 208 -12.45 -7.74 1.43
N TYR A 209 -12.47 -8.01 2.74
CA TYR A 209 -13.72 -8.09 3.48
C TYR A 209 -13.51 -7.51 4.86
N MET A 210 -14.47 -6.69 5.30
CA MET A 210 -14.47 -6.08 6.62
C MET A 210 -15.59 -6.68 7.45
N GLY A 211 -15.24 -7.32 8.57
CA GLY A 211 -16.27 -7.85 9.45
C GLY A 211 -15.85 -9.06 10.26
N THR A 212 -14.93 -9.85 9.72
CA THR A 212 -14.39 -10.99 10.45
C THR A 212 -12.96 -11.20 9.99
N LEU A 213 -12.12 -11.69 10.91
CA LEU A 213 -10.75 -12.06 10.56
C LEU A 213 -10.65 -13.44 9.94
N SER A 214 -11.69 -14.25 10.09
CA SER A 214 -11.62 -15.67 9.79
C SER A 214 -12.14 -15.94 8.37
N TYR A 215 -11.25 -16.41 7.51
CA TYR A 215 -11.66 -16.84 6.18
C TYR A 215 -12.63 -18.00 6.27
N GLU A 216 -12.35 -18.95 7.19
CA GLU A 216 -13.27 -20.08 7.38
C GLU A 216 -14.66 -19.62 7.77
N GLN A 217 -14.76 -18.63 8.66
CA GLN A 217 -16.08 -18.14 9.07
C GLN A 217 -16.80 -17.49 7.91
N PHE A 218 -16.06 -16.79 7.05
CA PHE A 218 -16.64 -16.18 5.86
C PHE A 218 -17.21 -17.26 4.94
N LYS A 219 -16.55 -18.41 4.89
CA LYS A 219 -17.06 -19.52 4.08
C LYS A 219 -18.30 -20.14 4.72
N LYS A 220 -18.37 -20.18 6.04
CA LYS A 220 -19.52 -20.80 6.72
C LYS A 220 -20.72 -19.87 6.79
N GLY A 221 -20.50 -18.56 6.84
CA GLY A 221 -21.58 -17.61 6.90
C GLY A 221 -21.43 -16.64 8.05
N VAL A 222 -21.70 -15.37 7.78
CA VAL A 222 -21.69 -14.33 8.81
C VAL A 222 -23.06 -13.67 8.83
N GLN A 223 -23.48 -13.28 10.02
CA GLN A 223 -24.80 -12.67 10.18
C GLN A 223 -24.71 -11.18 9.88
N ILE A 224 -25.59 -10.72 8.98
CA ILE A 224 -25.68 -9.31 8.62
C ILE A 224 -27.15 -8.95 8.48
N PRO A 225 -27.48 -7.67 8.62
CA PRO A 225 -28.85 -7.22 8.32
C PRO A 225 -29.14 -7.35 6.83
N CYS A 226 -30.28 -7.97 6.52
CA CYS A 226 -30.80 -7.94 5.15
C CYS A 226 -31.32 -6.54 4.85
N THR A 227 -31.43 -6.24 3.55
CA THR A 227 -31.94 -4.94 3.14
C THR A 227 -33.36 -4.69 3.62
N CYS A 228 -34.12 -5.74 3.90
CA CYS A 228 -35.46 -5.58 4.46
C CYS A 228 -35.45 -5.32 5.96
N GLY A 229 -34.29 -5.33 6.60
CA GLY A 229 -34.17 -5.07 8.01
C GLY A 229 -34.12 -6.31 8.89
N LYS A 230 -34.48 -7.47 8.36
CA LYS A 230 -34.32 -8.70 9.11
C LYS A 230 -32.85 -9.15 9.09
N GLN A 231 -32.53 -10.11 9.94
CA GLN A 231 -31.19 -10.66 9.99
C GLN A 231 -31.03 -11.73 8.92
N ALA A 232 -29.96 -11.62 8.13
CA ALA A 232 -29.67 -12.57 7.06
C ALA A 232 -28.31 -13.19 7.30
N THR A 233 -27.92 -14.12 6.42
CA THR A 233 -26.62 -14.78 6.48
C THR A 233 -25.92 -14.60 5.15
N LYS A 234 -24.66 -14.16 5.20
CA LYS A 234 -23.83 -13.95 4.03
C LYS A 234 -22.69 -14.96 4.03
N TYR A 235 -22.46 -15.61 2.90
CA TYR A 235 -21.35 -16.56 2.82
C TYR A 235 -20.72 -16.50 1.43
N LEU A 236 -19.49 -16.99 1.37
CA LEU A 236 -18.68 -16.97 0.15
C LEU A 236 -19.04 -18.16 -0.74
N VAL A 237 -19.51 -17.88 -1.95
CA VAL A 237 -19.86 -18.93 -2.91
C VAL A 237 -18.64 -19.37 -3.71
N GLN A 238 -17.87 -18.41 -4.22
CA GLN A 238 -16.74 -18.74 -5.05
C GLN A 238 -15.72 -17.63 -4.94
N GLN A 239 -14.43 -18.00 -4.92
CA GLN A 239 -13.33 -17.07 -4.83
C GLN A 239 -12.28 -17.41 -5.87
N GLU A 240 -11.90 -16.44 -6.67
CA GLU A 240 -10.81 -16.59 -7.64
C GLU A 240 -9.84 -15.44 -7.42
N SER A 241 -8.73 -15.71 -6.73
CA SER A 241 -7.74 -14.69 -6.42
C SER A 241 -6.53 -15.39 -5.78
N PRO A 242 -5.35 -14.75 -5.81
CA PRO A 242 -4.17 -15.38 -5.21
C PRO A 242 -4.03 -15.13 -3.72
N PHE A 243 -4.84 -14.25 -3.16
CA PHE A 243 -4.87 -13.97 -1.73
C PHE A 243 -6.23 -13.40 -1.40
N VAL A 244 -6.55 -13.36 -0.12
CA VAL A 244 -7.68 -12.59 0.38
C VAL A 244 -7.23 -11.90 1.65
N MET A 245 -7.81 -10.74 1.90
CA MET A 245 -7.55 -9.95 3.10
C MET A 245 -8.84 -9.88 3.91
N MET A 246 -8.78 -10.34 5.16
CA MET A 246 -9.92 -10.28 6.08
C MET A 246 -9.58 -9.33 7.20
N SER A 247 -10.48 -8.38 7.49
CA SER A 247 -10.20 -7.33 8.46
C SER A 247 -11.37 -7.20 9.42
N ALA A 248 -11.07 -6.68 10.60
CA ALA A 248 -12.09 -6.31 11.57
C ALA A 248 -11.43 -5.44 12.63
N PRO A 249 -12.21 -4.64 13.36
CA PRO A 249 -11.62 -3.90 14.48
C PRO A 249 -10.88 -4.86 15.39
N PRO A 250 -9.76 -4.45 15.97
CA PRO A 250 -8.90 -5.40 16.68
C PRO A 250 -9.61 -6.12 17.79
N ALA A 251 -9.31 -7.41 17.90
CA ALA A 251 -9.86 -8.26 18.93
C ALA A 251 -8.86 -9.37 19.16
N GLN A 252 -8.92 -9.95 20.36
CA GLN A 252 -8.05 -11.08 20.66
C GLN A 252 -8.34 -12.24 19.71
N TYR A 253 -7.29 -12.77 19.10
CA TYR A 253 -7.46 -13.74 18.02
C TYR A 253 -6.27 -14.68 18.02
N GLU A 254 -6.54 -15.98 17.91
CA GLU A 254 -5.48 -16.98 17.87
C GLU A 254 -5.01 -17.18 16.43
N LEU A 255 -3.71 -17.05 16.21
CA LEU A 255 -3.09 -17.29 14.90
C LEU A 255 -2.37 -18.63 14.94
N LYS A 256 -2.85 -19.59 14.16
CA LYS A 256 -2.26 -20.93 14.13
C LYS A 256 -1.23 -21.04 13.01
N HIS A 257 -0.03 -21.48 13.37
CA HIS A 257 1.03 -21.66 12.38
C HIS A 257 0.52 -22.47 11.19
N GLY A 258 0.75 -21.94 9.99
CA GLY A 258 0.44 -22.63 8.76
C GLY A 258 -0.97 -22.45 8.23
N THR A 259 -1.80 -21.67 8.91
CA THR A 259 -3.21 -21.50 8.53
C THR A 259 -3.48 -20.12 7.94
N PHE A 260 -2.45 -19.32 7.71
CA PHE A 260 -2.58 -17.95 7.25
C PHE A 260 -1.23 -17.54 6.72
N THR A 261 -1.21 -16.44 5.94
CA THR A 261 0.05 -15.95 5.39
C THR A 261 0.72 -14.97 6.35
N CYS A 262 0.02 -13.90 6.71
CA CYS A 262 0.54 -12.91 7.62
C CYS A 262 -0.63 -12.13 8.19
N ALA A 263 -0.34 -11.28 9.17
CA ALA A 263 -1.42 -10.60 9.87
C ALA A 263 -0.90 -9.32 10.49
N SER A 264 -1.84 -8.39 10.77
CA SER A 264 -1.54 -7.12 11.42
C SER A 264 -1.99 -7.18 12.88
N GLU A 265 -1.05 -7.03 13.80
CA GLU A 265 -1.37 -6.86 15.22
C GLU A 265 -1.48 -5.36 15.51
N TYR A 266 -2.51 -4.98 16.26
CA TYR A 266 -2.72 -3.57 16.61
C TYR A 266 -2.87 -3.46 18.12
N THR A 267 -1.90 -2.85 18.77
CA THR A 267 -1.97 -2.58 20.20
C THR A 267 -2.21 -1.09 20.41
N GLY A 268 -2.57 -0.74 21.63
CA GLY A 268 -2.99 0.63 21.89
C GLY A 268 -4.45 0.81 21.54
N ASN A 269 -4.89 2.06 21.47
CA ASN A 269 -6.31 2.27 21.24
C ASN A 269 -6.55 2.87 19.85
N TYR A 270 -7.83 3.05 19.54
CA TYR A 270 -8.22 3.40 18.18
C TYR A 270 -7.66 4.75 17.71
N GLN A 271 -7.32 5.64 18.63
CA GLN A 271 -6.79 6.95 18.26
C GLN A 271 -5.28 7.04 18.32
N CYS A 272 -4.63 6.08 18.99
CA CYS A 272 -3.18 6.10 19.20
C CYS A 272 -2.73 4.64 19.34
N GLY A 273 -2.48 3.99 18.19
CA GLY A 273 -2.20 2.57 18.16
C GLY A 273 -0.78 2.28 17.68
N HIS A 274 -0.43 1.01 17.72
CA HIS A 274 0.88 0.52 17.26
C HIS A 274 0.65 -0.74 16.44
N TYR A 275 1.13 -0.75 15.19
CA TYR A 275 1.05 -1.93 14.35
C TYR A 275 2.33 -2.75 14.43
N LYS A 276 2.18 -4.07 14.53
CA LYS A 276 3.25 -5.02 14.30
C LYS A 276 2.77 -6.03 13.28
N HIS A 277 3.73 -6.79 12.73
CA HIS A 277 3.44 -7.70 11.62
C HIS A 277 3.75 -9.13 12.05
N ILE A 278 2.75 -10.02 11.95
CA ILE A 278 2.94 -11.43 12.25
C ILE A 278 3.03 -12.19 10.94
N THR A 279 3.99 -13.10 10.81
CA THR A 279 4.08 -13.88 9.59
C THR A 279 4.33 -15.34 9.94
N SER A 280 3.75 -16.23 9.13
CA SER A 280 3.85 -17.67 9.35
C SER A 280 4.88 -18.23 8.38
N LYS A 281 6.03 -18.66 8.91
CA LYS A 281 7.06 -19.30 8.12
C LYS A 281 7.25 -20.72 8.66
N GLU A 282 8.48 -21.11 9.01
CA GLU A 282 8.64 -22.40 9.66
C GLU A 282 8.11 -22.35 11.09
N THR A 283 7.95 -21.15 11.63
CA THR A 283 7.27 -20.90 12.89
C THR A 283 6.63 -19.52 12.78
N LEU A 284 6.09 -19.01 13.88
CA LEU A 284 5.48 -17.68 13.87
C LEU A 284 6.52 -16.63 14.22
N TYR A 285 6.59 -15.57 13.40
CA TYR A 285 7.48 -14.45 13.64
C TYR A 285 6.68 -13.16 13.80
N CYS A 286 7.14 -12.30 14.69
CA CYS A 286 6.59 -10.97 14.85
C CYS A 286 7.67 -9.97 14.49
N ILE A 287 7.39 -9.11 13.51
CA ILE A 287 8.31 -8.09 13.04
C ILE A 287 7.77 -6.75 13.50
N ASP A 288 8.56 -6.03 14.30
CA ASP A 288 8.19 -4.74 14.85
C ASP A 288 9.30 -3.77 14.45
N GLY A 289 9.16 -3.21 13.25
CA GLY A 289 10.22 -2.36 12.74
C GLY A 289 11.46 -3.21 12.49
N ALA A 290 12.51 -2.89 13.21
CA ALA A 290 13.77 -3.63 13.14
C ALA A 290 13.82 -4.80 14.10
N LEU A 291 12.82 -4.96 14.97
CA LEU A 291 12.87 -5.96 16.02
C LEU A 291 12.12 -7.22 15.61
N LEU A 292 12.67 -8.37 15.98
CA LEU A 292 12.10 -9.65 15.58
C LEU A 292 11.92 -10.53 16.81
N THR A 293 10.75 -11.15 16.93
CA THR A 293 10.50 -12.16 17.95
C THR A 293 9.87 -13.37 17.29
N LYS A 294 9.94 -14.52 17.96
CA LYS A 294 9.30 -15.71 17.43
C LYS A 294 8.67 -16.50 18.57
N SER A 295 7.66 -17.29 18.21
CA SER A 295 7.01 -18.21 19.14
C SER A 295 6.28 -19.25 18.33
N SER A 296 5.97 -20.37 18.99
CA SER A 296 5.26 -21.44 18.30
C SER A 296 3.76 -21.16 18.21
N GLU A 297 3.23 -20.34 19.12
CA GLU A 297 1.81 -20.03 19.16
C GLU A 297 1.64 -18.53 19.34
N TYR A 298 0.42 -18.05 19.06
CA TYR A 298 0.12 -16.63 19.18
C TYR A 298 -1.36 -16.43 19.44
N LYS A 299 -1.66 -15.56 20.40
CA LYS A 299 -2.99 -15.00 20.58
C LYS A 299 -2.79 -13.56 20.99
N GLY A 300 -3.46 -12.64 20.30
CA GLY A 300 -3.30 -11.24 20.59
C GLY A 300 -4.23 -10.40 19.72
N PRO A 301 -4.10 -9.07 19.81
CA PRO A 301 -5.07 -8.20 19.13
C PRO A 301 -4.78 -8.04 17.66
N ILE A 302 -5.58 -8.69 16.82
CA ILE A 302 -5.36 -8.74 15.38
C ILE A 302 -6.45 -7.94 14.68
N THR A 303 -6.05 -7.20 13.62
CA THR A 303 -7.02 -6.43 12.85
C THR A 303 -7.06 -6.78 11.35
N ASP A 304 -6.01 -7.41 10.80
CA ASP A 304 -6.06 -7.90 9.43
C ASP A 304 -5.40 -9.27 9.37
N VAL A 305 -5.97 -10.19 8.59
CA VAL A 305 -5.30 -11.46 8.30
C VAL A 305 -5.32 -11.68 6.79
N PHE A 306 -4.17 -12.08 6.24
CA PHE A 306 -4.04 -12.40 4.83
C PHE A 306 -3.92 -13.90 4.67
N TYR A 307 -4.64 -14.44 3.68
CA TYR A 307 -4.68 -15.86 3.41
C TYR A 307 -4.28 -16.11 1.96
N LYS A 308 -3.66 -17.27 1.72
CA LYS A 308 -3.39 -17.69 0.35
C LYS A 308 -4.66 -18.28 -0.27
N GLU A 309 -4.78 -18.10 -1.59
CA GLU A 309 -5.94 -18.61 -2.30
C GLU A 309 -5.52 -18.89 -3.74
N ASN A 310 -6.32 -19.69 -4.42
CA ASN A 310 -6.25 -19.80 -5.88
C ASN A 310 -7.67 -19.88 -6.42
N SER A 311 -8.37 -20.96 -6.09
CA SER A 311 -9.74 -21.16 -6.56
C SER A 311 -10.51 -21.89 -5.47
N TYR A 312 -11.61 -21.28 -5.03
CA TYR A 312 -12.47 -21.88 -4.01
C TYR A 312 -13.90 -21.89 -4.53
N THR A 313 -14.57 -23.03 -4.36
CA THR A 313 -15.99 -23.17 -4.65
C THR A 313 -16.67 -23.81 -3.45
N THR A 314 -17.71 -23.16 -2.94
CA THR A 314 -18.40 -23.66 -1.76
C THR A 314 -19.09 -24.98 -2.04
N THR A 315 -19.32 -25.74 -0.97
CA THR A 315 -20.23 -26.88 -1.04
C THR A 315 -21.60 -26.57 -0.45
N ILE A 316 -21.76 -25.40 0.16
CA ILE A 316 -23.07 -25.00 0.65
C ILE A 316 -24.05 -24.90 -0.51
N LYS A 317 -25.26 -25.40 -0.30
CA LYS A 317 -26.30 -25.38 -1.32
C LYS A 317 -27.62 -25.18 -0.62
N PRO A 318 -28.07 -23.93 -0.50
CA PRO A 318 -29.20 -23.64 0.38
C PRO A 318 -30.48 -24.28 -0.12
N LEU A 319 -31.36 -24.56 0.85
CA LEU A 319 -32.70 -25.05 0.55
C LEU A 319 -33.66 -23.92 0.20
N GLU A 320 -33.31 -22.68 0.54
CA GLU A 320 -34.19 -21.52 0.41
C GLU A 320 -34.48 -21.22 -1.07
N HIS A 321 -35.20 -20.13 -1.32
CA HIS A 321 -35.69 -19.77 -2.63
C HIS A 321 -35.07 -18.46 -3.10
N HIS A 322 -35.59 -17.93 -4.21
CA HIS A 322 -35.11 -16.69 -4.83
C HIS A 322 -33.60 -16.74 -5.11
N GLY B 4 -2.72 4.00 13.70
CA GLY B 4 -1.53 3.45 14.29
C GLY B 4 -0.28 4.14 13.75
#